data_3HWI
#
_entry.id   3HWI
#
_cell.length_a   54.446
_cell.length_b   69.622
_cell.length_c   83.110
_cell.angle_alpha   90.000
_cell.angle_beta   108.140
_cell.angle_gamma   90.000
#
_symmetry.space_group_name_H-M   'P 1 21 1'
#
loop_
_entity.id
_entity.type
_entity.pdbx_description
1 polymer 'Thiosulfate sulfurtransferase'
2 water water
#
_entity_poly.entity_id   1
_entity_poly.type   'polypeptide(L)'
_entity_poly.pdbx_seq_one_letter_code
;MAHHHHHHMGTLEAQTQGPGSMARCDVLVSADWAESNLHAPKVVFVEVDEDTSAYDRDHIAGAIKLDWRTDLQDPVKRDF
VDAQQFSKLLSERGIANEDTVILYGGNNNWFAAYAYWYFKLYGHEKVKLLDGGRKKWELDGRPLSSDPVSRPVTSYTASP
PDNTIRAFRDEVLAAINVKNLIDVRSPDEFSGKILAPAHLPQEQSQRPGHIPGAINVPWSRAANEDGTFKSDEELAKLYA
DAGLDNSKETIAYCRIGERSSHTWFVLRELLGHQNVKNYDGSWTEYGSLVGAPIELGS
;
_entity_poly.pdbx_strand_id   A,B
#
# COMPACT_ATOMS: atom_id res chain seq x y z
N ARG A 24 10.22 4.13 36.89
CA ARG A 24 9.35 4.58 35.77
C ARG A 24 9.55 6.08 35.44
N CYS A 25 10.10 6.83 36.40
CA CYS A 25 10.36 8.28 36.26
C CYS A 25 11.36 8.60 35.13
N ASP A 26 12.06 7.58 34.66
CA ASP A 26 13.01 7.75 33.55
C ASP A 26 12.37 8.02 32.18
N VAL A 27 11.12 7.56 32.01
CA VAL A 27 10.45 7.62 30.69
C VAL A 27 9.05 8.24 30.81
N LEU A 28 8.58 8.37 32.03
CA LEU A 28 7.21 8.83 32.28
C LEU A 28 7.21 9.84 33.40
N VAL A 29 6.47 10.95 33.24
CA VAL A 29 6.25 11.87 34.36
C VAL A 29 4.75 12.10 34.60
N SER A 30 4.42 12.36 35.86
CA SER A 30 3.04 12.55 36.24
C SER A 30 2.66 14.01 36.01
N ALA A 31 1.35 14.26 36.06
CA ALA A 31 0.85 15.64 35.92
C ALA A 31 1.32 16.55 37.07
N ASP A 32 1.39 16.02 38.30
CA ASP A 32 1.91 16.83 39.42
C ASP A 32 3.37 17.20 39.25
N TRP A 33 4.20 16.21 38.87
CA TRP A 33 5.59 16.53 38.51
C TRP A 33 5.63 17.62 37.41
N ALA A 34 4.87 17.43 36.34
CA ALA A 34 4.88 18.37 35.23
C ALA A 34 4.48 19.79 35.65
N GLU A 35 3.36 19.90 36.34
CA GLU A 35 2.94 21.18 36.91
C GLU A 35 4.00 21.82 37.82
N SER A 36 4.75 21.01 38.57
CA SER A 36 5.80 21.56 39.45
C SER A 36 7.03 21.99 38.68
N ASN A 37 7.17 21.51 37.46
CA ASN A 37 8.41 21.77 36.75
C ASN A 37 8.27 22.47 35.41
N LEU A 38 7.19 23.21 35.26
CA LEU A 38 6.99 24.01 34.06
C LEU A 38 8.19 24.87 33.68
N HIS A 39 8.81 25.49 34.68
CA HIS A 39 9.83 26.44 34.36
C HIS A 39 11.15 25.98 34.97
N ALA A 40 11.34 24.66 35.03
CA ALA A 40 12.58 24.10 35.53
C ALA A 40 13.69 24.19 34.49
N PRO A 41 14.95 24.35 34.97
CA PRO A 41 16.12 24.42 34.10
C PRO A 41 16.29 23.19 33.19
N LYS A 42 16.52 23.47 31.90
CA LYS A 42 16.73 22.46 30.86
C LYS A 42 15.58 21.41 30.71
N VAL A 43 14.34 21.85 30.91
CA VAL A 43 13.15 21.04 30.70
C VAL A 43 12.24 21.77 29.71
N VAL A 44 11.82 21.10 28.64
CA VAL A 44 10.98 21.73 27.61
C VAL A 44 9.78 20.85 27.25
N PHE A 45 8.59 21.43 27.35
CA PHE A 45 7.35 20.72 27.04
C PHE A 45 7.04 20.89 25.56
N VAL A 46 6.65 19.78 24.93
CA VAL A 46 6.41 19.74 23.50
C VAL A 46 5.05 19.06 23.28
N GLU A 47 4.14 19.78 22.65
CA GLU A 47 2.84 19.22 22.36
C GLU A 47 2.88 18.61 20.96
N VAL A 48 2.45 17.35 20.85
CA VAL A 48 2.45 16.71 19.57
C VAL A 48 1.08 16.16 19.23
N ASP A 49 0.52 16.68 18.14
CA ASP A 49 -0.79 16.22 17.67
C ASP A 49 -0.79 16.17 16.14
N GLU A 50 -1.91 15.68 15.60
CA GLU A 50 -2.21 15.62 14.14
C GLU A 50 -2.10 17.01 13.44
N ASP A 51 -2.62 18.02 14.13
CA ASP A 51 -2.60 19.42 13.71
C ASP A 51 -2.00 20.18 14.89
N THR A 52 -1.71 21.46 14.72
CA THR A 52 -1.34 22.31 15.85
C THR A 52 -2.60 23.06 16.35
N SER A 53 -3.75 22.73 15.77
CA SER A 53 -4.96 23.53 15.99
C SER A 53 -5.36 23.50 17.46
N ALA A 54 -5.26 22.33 18.11
CA ALA A 54 -5.50 22.24 19.56
C ALA A 54 -4.53 23.11 20.41
N TYR A 55 -3.24 23.09 20.04
CA TYR A 55 -2.19 23.87 20.68
C TYR A 55 -2.41 25.36 20.46
N ASP A 56 -2.76 25.73 19.22
CA ASP A 56 -3.08 27.10 18.87
C ASP A 56 -4.21 27.63 19.73
N ARG A 57 -5.24 26.84 19.96
CA ARG A 57 -6.25 27.19 20.99
C ARG A 57 -5.60 27.43 22.38
N ASP A 58 -5.10 26.38 23.04
CA ASP A 58 -4.37 26.53 24.30
C ASP A 58 -3.40 25.36 24.52
N HIS A 59 -2.56 25.45 25.55
CA HIS A 59 -1.49 24.48 25.72
C HIS A 59 -0.87 24.67 27.09
N ILE A 60 0.01 23.75 27.46
CA ILE A 60 0.72 23.86 28.71
C ILE A 60 1.65 25.06 28.63
N ALA A 61 1.71 25.85 29.70
CA ALA A 61 2.48 27.11 29.70
C ALA A 61 3.92 26.90 29.24
N GLY A 62 4.36 27.70 28.26
CA GLY A 62 5.74 27.63 27.77
C GLY A 62 6.05 26.45 26.85
N ALA A 63 5.06 25.60 26.62
CA ALA A 63 5.26 24.47 25.73
C ALA A 63 5.26 24.97 24.30
N ILE A 64 5.98 24.24 23.47
CA ILE A 64 5.99 24.48 22.05
C ILE A 64 5.27 23.30 21.40
N LYS A 65 5.30 23.30 20.07
CA LYS A 65 4.48 22.42 19.26
C LYS A 65 5.30 21.84 18.13
N LEU A 66 4.96 20.61 17.77
CA LEU A 66 5.43 19.96 16.54
C LEU A 66 4.20 19.38 15.86
N ASP A 67 4.11 19.63 14.55
CA ASP A 67 3.01 19.18 13.72
C ASP A 67 3.45 17.84 13.19
N TRP A 68 2.76 16.81 13.65
CA TRP A 68 3.10 15.47 13.24
C TRP A 68 3.09 15.31 11.71
N ARG A 69 2.09 15.91 11.05
CA ARG A 69 1.96 15.81 9.58
C ARG A 69 3.03 16.59 8.80
N THR A 70 3.16 17.90 9.05
CA THR A 70 4.08 18.74 8.27
C THR A 70 5.49 18.89 8.86
N ASP A 71 5.66 18.75 10.18
CA ASP A 71 7.01 18.76 10.79
C ASP A 71 7.77 17.41 10.75
N LEU A 72 7.06 16.32 11.03
CA LEU A 72 7.74 15.03 11.28
C LEU A 72 7.78 14.03 10.13
N GLN A 73 6.92 14.24 9.14
CA GLN A 73 6.87 13.39 7.94
C GLN A 73 7.61 14.05 6.76
N ASP A 74 8.22 13.24 5.92
CA ASP A 74 8.71 13.75 4.64
C ASP A 74 7.53 14.34 3.85
N PRO A 75 7.74 15.48 3.16
CA PRO A 75 6.57 16.07 2.46
C PRO A 75 6.22 15.31 1.17
N VAL A 76 7.14 14.48 0.71
CA VAL A 76 7.03 13.81 -0.59
C VAL A 76 7.13 12.27 -0.51
N LYS A 77 8.23 11.75 0.06
CA LYS A 77 8.40 10.32 0.23
C LYS A 77 7.53 9.82 1.39
N ARG A 78 7.13 8.54 1.34
CA ARG A 78 6.49 7.94 2.52
C ARG A 78 7.55 7.54 3.54
N ASP A 79 7.88 8.51 4.38
CA ASP A 79 8.81 8.34 5.46
C ASP A 79 8.56 9.48 6.46
N PHE A 80 9.37 9.48 7.50
CA PHE A 80 9.43 10.61 8.41
C PHE A 80 10.84 11.20 8.26
N VAL A 81 11.05 12.38 8.81
CA VAL A 81 12.29 13.11 8.50
C VAL A 81 13.49 12.26 8.90
N ASP A 82 14.61 12.46 8.20
CA ASP A 82 15.86 11.80 8.54
C ASP A 82 16.62 12.58 9.62
N ALA A 83 17.83 12.13 9.95
CA ALA A 83 18.69 12.78 10.95
C ALA A 83 18.85 14.29 10.77
N GLN A 84 19.25 14.68 9.56
CA GLN A 84 19.52 16.10 9.31
C GLN A 84 18.26 16.93 9.30
N GLN A 85 17.16 16.38 8.81
CA GLN A 85 15.90 17.13 8.85
C GLN A 85 15.36 17.23 10.30
N PHE A 86 15.62 16.19 11.11
CA PHE A 86 15.18 16.17 12.47
C PHE A 86 16.01 17.19 13.25
N SER A 87 17.32 17.22 13.01
CA SER A 87 18.25 18.18 13.64
C SER A 87 17.88 19.65 13.38
N LYS A 88 17.65 19.96 12.09
CA LYS A 88 17.14 21.24 11.62
C LYS A 88 15.83 21.63 12.27
N LEU A 89 14.85 20.72 12.32
CA LEU A 89 13.57 21.00 12.99
C LEU A 89 13.75 21.41 14.47
N LEU A 90 14.47 20.59 15.24
CA LEU A 90 14.66 20.83 16.67
C LEU A 90 15.44 22.13 16.95
N SER A 91 16.47 22.36 16.12
CA SER A 91 17.27 23.57 16.15
C SER A 91 16.36 24.77 15.98
N GLU A 92 15.46 24.71 15.01
CA GLU A 92 14.54 25.82 14.76
C GLU A 92 13.49 26.01 15.84
N ARG A 93 13.16 24.93 16.56
CA ARG A 93 12.13 25.02 17.61
C ARG A 93 12.77 25.36 18.97
N GLY A 94 14.10 25.46 18.97
CA GLY A 94 14.85 25.80 20.15
C GLY A 94 15.02 24.65 21.14
N ILE A 95 15.09 23.42 20.64
CA ILE A 95 15.39 22.24 21.49
C ILE A 95 16.85 21.85 21.36
N ALA A 96 17.49 21.59 22.50
CA ALA A 96 18.91 21.21 22.55
C ALA A 96 19.07 19.75 22.91
N ASN A 97 20.22 19.18 22.56
CA ASN A 97 20.57 17.79 22.89
C ASN A 97 20.49 17.46 24.37
N GLU A 98 20.90 18.42 25.21
CA GLU A 98 21.00 18.18 26.67
C GLU A 98 19.70 18.55 27.41
N ASP A 99 18.67 19.04 26.68
CA ASP A 99 17.33 19.27 27.24
C ASP A 99 16.61 17.97 27.67
N THR A 100 15.81 18.04 28.74
CA THR A 100 14.86 16.99 29.02
C THR A 100 13.59 17.37 28.28
N VAL A 101 13.12 16.50 27.38
CA VAL A 101 11.94 16.82 26.58
C VAL A 101 10.71 16.16 27.16
N ILE A 102 9.61 16.89 27.31
CA ILE A 102 8.39 16.31 27.88
C ILE A 102 7.30 16.37 26.84
N LEU A 103 6.89 15.19 26.39
CA LEU A 103 5.95 15.07 25.29
C LEU A 103 4.52 14.81 25.79
N TYR A 104 3.55 15.47 25.18
CA TYR A 104 2.16 15.32 25.60
C TYR A 104 1.31 15.67 24.40
N GLY A 105 0.10 15.12 24.36
CA GLY A 105 -0.84 15.43 23.27
C GLY A 105 -2.25 15.00 23.60
N GLY A 106 -3.18 15.53 22.80
CA GLY A 106 -4.56 15.05 22.78
C GLY A 106 -4.53 13.83 21.88
N ASN A 107 -5.69 13.48 21.29
CA ASN A 107 -5.90 12.16 20.67
C ASN A 107 -5.27 11.00 21.43
N ASN A 108 -5.51 10.91 22.74
CA ASN A 108 -5.01 9.80 23.52
C ASN A 108 -3.49 9.69 23.70
N ASN A 109 -2.76 10.80 23.55
CA ASN A 109 -1.26 10.73 23.53
C ASN A 109 -0.64 9.88 22.42
N TRP A 110 -1.43 9.50 21.42
CA TRP A 110 -0.94 8.66 20.33
C TRP A 110 0.24 9.29 19.59
N PHE A 111 0.07 10.57 19.27
CA PHE A 111 1.09 11.27 18.50
C PHE A 111 2.27 11.68 19.35
N ALA A 112 2.05 11.86 20.64
CA ALA A 112 3.14 12.19 21.55
C ALA A 112 4.04 10.98 21.76
N ALA A 113 3.45 9.79 21.77
CA ALA A 113 4.22 8.55 21.85
C ALA A 113 4.98 8.30 20.57
N TYR A 114 4.42 8.75 19.45
CA TYR A 114 5.05 8.55 18.15
C TYR A 114 6.31 9.42 18.08
N ALA A 115 6.16 10.68 18.51
CA ALA A 115 7.28 11.59 18.62
C ALA A 115 8.31 11.06 19.63
N TYR A 116 7.87 10.42 20.69
CA TYR A 116 8.78 9.86 21.69
C TYR A 116 9.67 8.84 20.99
N TRP A 117 9.02 7.92 20.28
CA TRP A 117 9.71 6.97 19.45
C TRP A 117 10.67 7.69 18.49
N TYR A 118 10.24 8.76 17.79
CA TYR A 118 11.19 9.46 16.90
C TYR A 118 12.37 9.99 17.73
N PHE A 119 12.11 10.59 18.89
CA PHE A 119 13.22 11.06 19.74
C PHE A 119 14.20 9.93 20.12
N LYS A 120 13.72 8.73 20.43
CA LYS A 120 14.60 7.63 20.78
C LYS A 120 15.37 7.14 19.56
N LEU A 121 14.68 7.05 18.42
CA LEU A 121 15.30 6.67 17.18
C LEU A 121 16.55 7.52 16.88
N TYR A 122 16.43 8.82 17.09
CA TYR A 122 17.50 9.74 16.80
C TYR A 122 18.42 10.01 17.99
N GLY A 123 18.30 9.19 19.01
CA GLY A 123 19.32 9.09 20.08
C GLY A 123 19.20 10.10 21.20
N HIS A 124 18.04 10.76 21.30
CA HIS A 124 17.79 11.68 22.37
C HIS A 124 17.60 10.95 23.70
N GLU A 125 18.43 11.31 24.67
CA GLU A 125 18.52 10.56 25.95
C GLU A 125 17.44 10.95 26.97
N LYS A 126 17.26 12.25 27.20
CA LYS A 126 16.31 12.67 28.21
C LYS A 126 15.01 13.15 27.61
N VAL A 127 14.03 12.24 27.62
CA VAL A 127 12.70 12.50 27.05
C VAL A 127 11.69 11.61 27.76
N LYS A 128 10.49 12.15 27.96
CA LYS A 128 9.49 11.46 28.74
C LYS A 128 8.11 11.77 28.21
N LEU A 129 7.20 10.83 28.39
CA LEU A 129 5.81 11.11 28.14
C LEU A 129 5.21 11.71 29.41
N LEU A 130 4.28 12.66 29.22
CA LEU A 130 3.49 13.17 30.33
C LEU A 130 2.35 12.18 30.48
N ASP A 131 2.26 11.54 31.64
CA ASP A 131 1.32 10.41 31.82
C ASP A 131 -0.11 10.91 31.75
N GLY A 132 -0.84 10.38 30.79
CA GLY A 132 -2.22 10.79 30.57
C GLY A 132 -2.33 11.92 29.59
N GLY A 133 -1.20 12.56 29.26
CA GLY A 133 -1.16 13.62 28.24
C GLY A 133 -2.19 14.73 28.48
N ARG A 134 -2.73 15.29 27.40
CA ARG A 134 -3.71 16.37 27.48
C ARG A 134 -5.00 15.96 28.22
N LYS A 135 -5.41 14.70 28.03
CA LYS A 135 -6.67 14.23 28.57
C LYS A 135 -6.66 14.33 30.11
N LYS A 136 -5.55 13.89 30.72
CA LYS A 136 -5.43 13.86 32.16
C LYS A 136 -5.23 15.30 32.66
N TRP A 137 -4.49 16.11 31.90
CA TRP A 137 -4.26 17.49 32.27
C TRP A 137 -5.58 18.22 32.46
N GLU A 138 -6.44 18.08 31.45
CA GLU A 138 -7.77 18.69 31.43
C GLU A 138 -8.77 18.05 32.43
N LEU A 139 -8.68 16.73 32.65
CA LEU A 139 -9.51 16.08 33.69
C LEU A 139 -9.14 16.55 35.09
N ASP A 140 -7.84 16.67 35.34
CA ASP A 140 -7.32 17.25 36.58
C ASP A 140 -7.64 18.76 36.70
N GLY A 141 -8.05 19.38 35.58
CA GLY A 141 -8.43 20.81 35.51
C GLY A 141 -7.26 21.80 35.53
N ARG A 142 -6.07 21.33 35.15
CA ARG A 142 -4.82 22.11 35.27
C ARG A 142 -4.73 23.31 34.30
N PRO A 143 -3.98 24.36 34.68
CA PRO A 143 -4.02 25.57 33.81
C PRO A 143 -3.48 25.39 32.39
N LEU A 144 -4.06 26.15 31.48
CA LEU A 144 -3.61 26.15 30.10
C LEU A 144 -3.38 27.58 29.63
N SER A 145 -2.37 27.75 28.80
CA SER A 145 -1.96 29.05 28.33
C SER A 145 -2.38 29.22 26.88
N SER A 146 -2.93 30.41 26.62
CA SER A 146 -3.31 30.85 25.29
C SER A 146 -2.20 31.68 24.60
N ASP A 147 -1.10 31.91 25.32
CA ASP A 147 0.00 32.79 24.87
C ASP A 147 0.94 32.15 23.85
N PRO A 148 1.47 32.97 22.93
CA PRO A 148 2.41 32.46 21.95
C PRO A 148 3.70 32.07 22.67
N VAL A 149 4.44 31.13 22.09
CA VAL A 149 5.71 30.73 22.68
C VAL A 149 6.75 30.71 21.59
N SER A 150 7.87 31.38 21.84
CA SER A 150 9.04 31.29 20.98
C SER A 150 10.24 31.00 21.86
N ARG A 151 11.13 30.17 21.34
CA ARG A 151 12.34 29.77 22.04
C ARG A 151 13.45 30.16 21.09
N PRO A 152 14.53 30.68 21.62
CA PRO A 152 15.61 31.03 20.72
C PRO A 152 16.17 29.77 20.06
N VAL A 153 16.43 29.86 18.76
CA VAL A 153 16.91 28.73 17.98
C VAL A 153 18.22 28.19 18.56
N THR A 154 18.38 26.88 18.56
CA THR A 154 19.57 26.20 19.06
C THR A 154 20.31 25.46 17.93
N SER A 155 21.39 24.77 18.27
CA SER A 155 21.98 23.83 17.36
C SER A 155 21.79 22.42 17.91
N TYR A 156 20.83 21.69 17.35
CA TYR A 156 20.57 20.31 17.75
C TYR A 156 21.30 19.41 16.77
N THR A 157 21.91 18.33 17.22
CA THR A 157 22.44 17.38 16.26
C THR A 157 22.03 15.94 16.58
N ALA A 158 21.18 15.36 15.73
CA ALA A 158 20.63 14.03 15.98
C ALA A 158 21.72 12.99 15.72
N SER A 159 21.65 11.85 16.39
CA SER A 159 22.46 10.66 16.08
C SER A 159 21.80 9.91 14.89
N PRO A 160 22.59 9.11 14.13
CA PRO A 160 21.94 8.32 13.06
C PRO A 160 20.94 7.34 13.67
N PRO A 161 19.95 6.89 12.88
CA PRO A 161 18.86 6.10 13.48
C PRO A 161 19.24 4.76 14.17
N ASP A 162 18.66 4.54 15.34
CA ASP A 162 18.89 3.31 16.05
C ASP A 162 17.79 2.40 15.58
N ASN A 163 18.11 1.64 14.55
CA ASN A 163 17.15 0.78 13.89
C ASN A 163 16.87 -0.52 14.61
N THR A 164 17.45 -0.71 15.79
CA THR A 164 16.98 -1.76 16.67
C THR A 164 15.59 -1.47 17.20
N ILE A 165 15.05 -0.27 16.97
CA ILE A 165 13.69 0.04 17.48
C ILE A 165 12.62 0.25 16.40
N ARG A 166 13.03 -0.01 15.16
CA ARG A 166 12.22 0.16 13.96
C ARG A 166 12.26 -1.12 13.12
N ALA A 167 11.13 -1.48 12.55
CA ALA A 167 11.14 -2.60 11.62
C ALA A 167 10.69 -2.13 10.24
N PHE A 168 11.36 -2.64 9.21
CA PHE A 168 10.95 -2.44 7.79
C PHE A 168 10.27 -3.70 7.22
N ARG A 169 9.53 -3.54 6.12
CA ARG A 169 8.81 -4.66 5.50
C ARG A 169 9.59 -5.99 5.39
N ASP A 170 10.83 -5.96 4.90
CA ASP A 170 11.55 -7.22 4.68
C ASP A 170 11.75 -8.02 5.98
N GLU A 171 12.21 -7.36 7.05
CA GLU A 171 12.36 -8.07 8.33
C GLU A 171 11.02 -8.52 8.95
N VAL A 172 9.94 -7.82 8.64
CA VAL A 172 8.62 -8.16 9.15
C VAL A 172 8.16 -9.48 8.52
N LEU A 173 8.32 -9.58 7.20
CA LEU A 173 8.12 -10.82 6.50
C LEU A 173 8.98 -11.94 7.08
N ALA A 174 10.23 -11.64 7.40
CA ALA A 174 11.13 -12.67 7.90
C ALA A 174 10.83 -13.03 9.37
N ALA A 175 10.04 -12.20 10.06
CA ALA A 175 9.71 -12.42 11.48
C ALA A 175 8.47 -13.29 11.75
N ILE A 176 7.73 -13.66 10.70
CA ILE A 176 6.55 -14.51 10.83
C ILE A 176 6.96 -15.83 11.47
N ASN A 177 6.32 -16.17 12.61
CA ASN A 177 6.64 -17.39 13.38
C ASN A 177 8.02 -17.35 14.06
N VAL A 178 8.72 -16.23 13.94
CA VAL A 178 9.99 -16.05 14.63
C VAL A 178 9.85 -15.07 15.81
N LYS A 179 9.14 -13.96 15.60
CA LYS A 179 8.96 -12.95 16.65
C LYS A 179 7.50 -12.76 17.01
N ASN A 180 7.22 -12.21 18.19
CA ASN A 180 5.86 -11.76 18.54
C ASN A 180 5.48 -10.63 17.59
N LEU A 181 4.23 -10.62 17.13
CA LEU A 181 3.73 -9.55 16.28
C LEU A 181 2.46 -9.04 16.91
N ILE A 182 2.49 -7.81 17.42
CA ILE A 182 1.39 -7.30 18.18
C ILE A 182 0.60 -6.40 17.27
N ASP A 183 -0.56 -6.87 16.86
CA ASP A 183 -1.41 -6.06 16.02
C ASP A 183 -2.25 -5.25 17.00
N VAL A 184 -2.12 -3.93 16.96
CA VAL A 184 -2.82 -3.09 17.95
C VAL A 184 -4.09 -2.41 17.40
N ARG A 185 -4.53 -2.82 16.22
CA ARG A 185 -5.79 -2.36 15.61
C ARG A 185 -7.07 -2.91 16.31
N SER A 186 -8.26 -2.55 15.80
CA SER A 186 -9.54 -3.06 16.36
C SER A 186 -9.70 -4.55 16.10
N PRO A 187 -10.41 -5.27 17.02
CA PRO A 187 -10.67 -6.70 16.78
C PRO A 187 -11.16 -7.04 15.36
N ASP A 188 -12.04 -6.21 14.77
CA ASP A 188 -12.59 -6.43 13.41
C ASP A 188 -11.62 -6.09 12.25
N GLU A 189 -10.69 -5.18 12.48
CA GLU A 189 -9.65 -5.03 11.50
C GLU A 189 -8.78 -6.26 11.52
N PHE A 190 -8.41 -6.72 12.72
CA PHE A 190 -7.53 -7.90 12.88
C PHE A 190 -8.06 -9.18 12.23
N SER A 191 -9.31 -9.53 12.50
CA SER A 191 -9.94 -10.72 11.92
C SER A 191 -10.20 -10.62 10.41
N GLY A 192 -10.29 -9.40 9.89
CA GLY A 192 -10.46 -9.20 8.44
C GLY A 192 -11.89 -8.86 8.06
N LYS A 193 -12.77 -8.81 9.06
CA LYS A 193 -14.15 -8.28 8.89
C LYS A 193 -14.22 -6.84 8.31
N ILE A 194 -13.27 -5.98 8.68
CA ILE A 194 -13.20 -4.64 8.11
C ILE A 194 -11.78 -4.33 7.64
N LEU A 195 -11.68 -3.78 6.42
CA LEU A 195 -10.40 -3.42 5.79
C LEU A 195 -9.61 -2.33 6.57
N ALA A 196 -10.21 -1.14 6.63
CA ALA A 196 -9.68 0.04 7.31
C ALA A 196 -10.90 0.93 7.59
N PRO A 197 -10.71 2.08 8.29
CA PRO A 197 -11.85 3.01 8.46
C PRO A 197 -12.36 3.62 7.13
N GLN A 206 -4.38 -3.39 -1.58
CA GLN A 206 -4.87 -3.47 -0.19
C GLN A 206 -5.66 -4.80 0.03
N ARG A 207 -5.53 -5.38 1.23
CA ARG A 207 -6.19 -6.66 1.63
C ARG A 207 -6.51 -6.57 3.13
N PRO A 208 -7.65 -7.16 3.59
CA PRO A 208 -7.89 -7.19 5.04
C PRO A 208 -7.27 -8.45 5.69
N GLY A 209 -7.26 -8.52 7.02
CA GLY A 209 -6.69 -9.64 7.77
C GLY A 209 -5.51 -9.15 8.60
N HIS A 210 -4.59 -10.04 8.95
CA HIS A 210 -3.48 -9.67 9.83
C HIS A 210 -2.22 -10.47 9.49
N ILE A 211 -1.07 -10.11 10.05
CA ILE A 211 0.14 -10.84 9.73
C ILE A 211 0.04 -12.22 10.39
N PRO A 212 0.33 -13.29 9.65
CA PRO A 212 0.16 -14.62 10.26
C PRO A 212 0.90 -14.80 11.58
N GLY A 213 0.27 -15.45 12.57
CA GLY A 213 0.86 -15.57 13.94
C GLY A 213 0.75 -14.32 14.82
N ALA A 214 0.14 -13.23 14.29
CA ALA A 214 0.01 -12.03 15.06
C ALA A 214 -1.00 -12.26 16.19
N ILE A 215 -0.79 -11.57 17.31
CA ILE A 215 -1.81 -11.51 18.34
C ILE A 215 -2.39 -10.09 18.39
N ASN A 216 -3.67 -9.97 18.71
CA ASN A 216 -4.35 -8.66 18.62
C ASN A 216 -4.43 -8.03 20.00
N VAL A 217 -3.79 -6.89 20.20
CA VAL A 217 -4.01 -6.20 21.47
C VAL A 217 -4.28 -4.76 21.17
N PRO A 218 -5.58 -4.40 21.00
CA PRO A 218 -5.96 -3.01 20.68
C PRO A 218 -5.27 -2.08 21.67
N TRP A 219 -4.70 -0.99 21.17
CA TRP A 219 -3.77 -0.14 21.91
C TRP A 219 -4.37 0.29 23.26
N SER A 220 -5.69 0.49 23.28
CA SER A 220 -6.39 1.15 24.39
C SER A 220 -6.49 0.28 25.64
N ARG A 221 -6.31 -1.03 25.48
CA ARG A 221 -6.26 -1.88 26.66
C ARG A 221 -5.15 -1.49 27.64
N ALA A 222 -4.15 -0.75 27.17
CA ALA A 222 -2.98 -0.41 28.02
C ALA A 222 -3.20 0.87 28.80
N ALA A 223 -4.41 1.42 28.68
CA ALA A 223 -4.67 2.76 29.18
C ALA A 223 -5.90 2.84 30.08
N ASN A 224 -5.76 3.62 31.14
CA ASN A 224 -6.85 3.94 32.04
C ASN A 224 -7.78 4.95 31.40
N GLU A 225 -8.95 5.08 31.98
CA GLU A 225 -9.96 6.05 31.55
C GLU A 225 -9.47 7.50 31.54
N ASP A 226 -8.61 7.84 32.49
CA ASP A 226 -8.05 9.19 32.60
C ASP A 226 -6.89 9.48 31.63
N GLY A 227 -6.54 8.46 30.82
CA GLY A 227 -5.53 8.59 29.79
C GLY A 227 -4.19 8.00 30.20
N THR A 228 -4.00 7.78 31.50
CA THR A 228 -2.71 7.29 32.01
C THR A 228 -2.44 5.83 31.66
N PHE A 229 -1.17 5.44 31.68
CA PHE A 229 -0.82 4.04 31.41
C PHE A 229 -1.26 3.15 32.58
N LYS A 230 -1.64 1.92 32.28
CA LYS A 230 -1.93 0.97 33.34
C LYS A 230 -0.65 0.57 34.07
N SER A 231 -0.78 -0.04 35.25
CA SER A 231 0.35 -0.50 36.04
C SER A 231 1.14 -1.65 35.37
N ASP A 232 2.38 -1.87 35.85
CA ASP A 232 3.22 -2.95 35.33
C ASP A 232 2.48 -4.29 35.47
N GLU A 233 1.81 -4.49 36.60
CA GLU A 233 1.06 -5.70 36.87
C GLU A 233 -0.03 -5.93 35.83
N GLU A 234 -0.82 -4.88 35.60
CA GLU A 234 -1.91 -4.91 34.64
C GLU A 234 -1.36 -5.16 33.24
N LEU A 235 -0.27 -4.49 32.90
CA LEU A 235 0.25 -4.59 31.54
C LEU A 235 0.89 -5.96 31.29
N ALA A 236 1.69 -6.46 32.23
CA ALA A 236 2.33 -7.77 32.00
C ALA A 236 1.29 -8.88 31.82
N LYS A 237 0.23 -8.82 32.62
CA LYS A 237 -0.88 -9.75 32.53
C LYS A 237 -1.64 -9.63 31.21
N LEU A 238 -1.98 -8.40 30.82
CA LEU A 238 -2.60 -8.13 29.51
C LEU A 238 -1.84 -8.87 28.38
N TYR A 239 -0.52 -8.64 28.29
CA TYR A 239 0.24 -9.19 27.16
C TYR A 239 0.50 -10.70 27.28
N ALA A 240 0.67 -11.19 28.51
CA ALA A 240 0.80 -12.63 28.77
C ALA A 240 -0.46 -13.38 28.36
N ASP A 241 -1.61 -12.97 28.92
CA ASP A 241 -2.94 -13.52 28.51
C ASP A 241 -3.14 -13.56 26.99
N ALA A 242 -2.79 -12.46 26.31
CA ALA A 242 -2.91 -12.38 24.84
C ALA A 242 -1.92 -13.30 24.08
N GLY A 243 -0.88 -13.76 24.76
CA GLY A 243 0.04 -14.70 24.14
C GLY A 243 1.39 -14.12 23.74
N LEU A 244 1.81 -13.03 24.37
CA LEU A 244 3.20 -12.56 24.19
C LEU A 244 4.21 -13.61 24.67
N ASP A 245 5.03 -14.11 23.76
CA ASP A 245 5.99 -15.17 24.07
C ASP A 245 7.32 -14.58 24.59
N ASN A 246 7.66 -14.81 25.85
CA ASN A 246 8.89 -14.24 26.41
C ASN A 246 10.17 -14.90 25.92
N SER A 247 10.07 -15.94 25.11
CA SER A 247 11.26 -16.48 24.47
C SER A 247 11.58 -15.71 23.15
N LYS A 248 10.69 -14.82 22.72
CA LYS A 248 10.82 -14.17 21.41
C LYS A 248 10.92 -12.65 21.50
N GLU A 249 11.61 -12.06 20.53
CA GLU A 249 11.64 -10.62 20.39
C GLU A 249 10.31 -10.17 19.79
N THR A 250 10.08 -8.85 19.69
CA THR A 250 8.73 -8.37 19.41
C THR A 250 8.64 -7.27 18.36
N ILE A 251 7.56 -7.25 17.61
CA ILE A 251 7.29 -6.11 16.71
C ILE A 251 5.84 -5.71 16.91
N ALA A 252 5.56 -4.41 16.99
CA ALA A 252 4.17 -3.93 17.06
C ALA A 252 3.77 -3.22 15.78
N TYR A 253 2.51 -3.32 15.40
CA TYR A 253 2.08 -2.61 14.22
C TYR A 253 0.61 -2.19 14.33
N CYS A 254 0.28 -1.16 13.54
CA CYS A 254 -1.04 -0.53 13.49
C CYS A 254 -1.41 -0.45 12.01
N ARG A 255 -1.98 0.68 11.57
CA ARG A 255 -2.16 0.97 10.13
C ARG A 255 -0.98 1.79 9.58
N ILE A 256 -0.63 2.87 10.27
CA ILE A 256 0.57 3.66 10.00
C ILE A 256 1.50 3.84 11.22
N GLY A 257 1.40 2.97 12.21
CA GLY A 257 2.38 2.91 13.29
C GLY A 257 2.20 3.91 14.42
N GLU A 258 1.01 4.56 14.47
CA GLU A 258 0.71 5.64 15.39
C GLU A 258 0.30 5.11 16.74
N ARG A 259 -0.67 4.20 16.74
CA ARG A 259 -1.08 3.61 18.01
C ARG A 259 -0.10 2.50 18.42
N SER A 260 0.67 1.98 17.46
CA SER A 260 1.69 0.98 17.79
C SER A 260 2.89 1.63 18.47
N SER A 261 3.11 2.93 18.26
CA SER A 261 4.13 3.70 19.00
C SER A 261 3.87 3.63 20.49
N HIS A 262 2.58 3.71 20.81
CA HIS A 262 2.12 3.81 22.15
C HIS A 262 2.30 2.43 22.79
N THR A 263 1.98 1.37 22.05
CA THR A 263 2.23 0.01 22.48
C THR A 263 3.73 -0.30 22.63
N TRP A 264 4.52 0.15 21.65
CA TRP A 264 5.99 0.02 21.68
C TRP A 264 6.52 0.64 22.97
N PHE A 265 5.99 1.80 23.34
CA PHE A 265 6.36 2.46 24.58
C PHE A 265 6.02 1.57 25.79
N VAL A 266 4.85 0.94 25.78
CA VAL A 266 4.46 0.10 26.90
C VAL A 266 5.40 -1.09 27.01
N LEU A 267 5.69 -1.71 25.89
CA LEU A 267 6.47 -2.94 25.89
C LEU A 267 7.93 -2.69 26.19
N ARG A 268 8.53 -1.72 25.49
CA ARG A 268 9.95 -1.47 25.66
C ARG A 268 10.24 -0.60 26.88
N GLU A 269 9.53 0.51 27.04
CA GLU A 269 9.91 1.51 28.04
C GLU A 269 9.30 1.25 29.40
N LEU A 270 8.07 0.76 29.42
CA LEU A 270 7.43 0.51 30.73
C LEU A 270 7.78 -0.88 31.22
N LEU A 271 7.52 -1.89 30.41
CA LEU A 271 7.78 -3.28 30.82
C LEU A 271 9.22 -3.75 30.64
N GLY A 272 10.07 -2.97 29.99
CA GLY A 272 11.49 -3.36 29.89
C GLY A 272 11.87 -4.47 28.89
N HIS A 273 10.99 -4.85 27.97
CA HIS A 273 11.41 -5.83 26.97
C HIS A 273 12.52 -5.16 26.15
N GLN A 274 13.66 -5.82 25.99
CA GLN A 274 14.83 -5.16 25.46
C GLN A 274 14.82 -5.08 23.92
N ASN A 275 14.02 -5.94 23.26
CA ASN A 275 13.99 -6.02 21.78
C ASN A 275 12.57 -5.89 21.21
N VAL A 276 12.16 -4.62 21.04
CA VAL A 276 10.85 -4.28 20.49
C VAL A 276 11.02 -3.26 19.37
N LYS A 277 10.42 -3.55 18.22
CA LYS A 277 10.45 -2.64 17.08
C LYS A 277 9.03 -2.14 16.78
N ASN A 278 8.95 -0.89 16.33
CA ASN A 278 7.74 -0.33 15.75
C ASN A 278 7.85 -0.54 14.21
N TYR A 279 6.93 -1.32 13.66
CA TYR A 279 6.75 -1.42 12.20
C TYR A 279 5.95 -0.23 11.74
N ASP A 280 6.64 0.86 11.39
CA ASP A 280 5.94 2.08 10.99
C ASP A 280 5.19 1.95 9.68
N GLY A 281 5.73 1.15 8.74
CA GLY A 281 5.00 0.78 7.54
C GLY A 281 3.62 0.26 7.91
N SER A 282 3.56 -0.69 8.85
CA SER A 282 2.28 -1.16 9.37
C SER A 282 1.40 -1.71 8.23
N TRP A 283 0.08 -1.74 8.45
CA TRP A 283 -0.84 -2.44 7.53
C TRP A 283 -1.05 -1.74 6.20
N THR A 284 -0.97 -0.40 6.16
CA THR A 284 -1.09 0.30 4.88
C THR A 284 0.01 -0.11 3.92
N GLU A 285 1.20 -0.41 4.45
CA GLU A 285 2.26 -1.00 3.63
C GLU A 285 1.99 -2.50 3.49
N TYR A 286 1.88 -3.21 4.62
CA TYR A 286 1.83 -4.66 4.62
C TYR A 286 0.68 -5.21 3.79
N GLY A 287 -0.51 -4.64 4.01
CA GLY A 287 -1.73 -5.02 3.31
C GLY A 287 -1.75 -4.63 1.85
N SER A 288 -0.70 -3.96 1.36
CA SER A 288 -0.63 -3.62 -0.07
C SER A 288 0.50 -4.29 -0.81
N LEU A 289 1.40 -4.92 -0.05
CA LEU A 289 2.48 -5.72 -0.56
C LEU A 289 1.92 -6.85 -1.41
N VAL A 290 2.52 -7.04 -2.59
CA VAL A 290 2.17 -8.17 -3.42
C VAL A 290 2.80 -9.42 -2.82
N GLY A 291 2.00 -10.49 -2.75
CA GLY A 291 2.49 -11.82 -2.32
C GLY A 291 2.73 -11.98 -0.83
N ALA A 292 2.25 -11.05 -0.02
CA ALA A 292 2.55 -11.11 1.40
C ALA A 292 1.59 -12.07 2.12
N PRO A 293 2.11 -12.96 3.00
CA PRO A 293 1.15 -13.85 3.71
C PRO A 293 0.20 -13.05 4.61
N ILE A 294 -1.06 -13.46 4.63
CA ILE A 294 -2.14 -12.81 5.38
C ILE A 294 -2.97 -13.90 6.03
N GLU A 295 -3.41 -13.67 7.25
CA GLU A 295 -4.24 -14.65 7.94
C GLU A 295 -5.52 -13.97 8.44
N LEU A 296 -6.61 -14.73 8.40
CA LEU A 296 -7.93 -14.22 8.76
C LEU A 296 -8.40 -14.81 10.09
N GLY A 297 -9.46 -14.20 10.64
CA GLY A 297 -10.07 -14.67 11.89
C GLY A 297 -9.42 -14.10 13.13
N SER A 298 -10.14 -14.16 14.24
CA SER A 298 -9.63 -13.69 15.54
C SER A 298 -8.63 -14.66 16.15
N ARG B 24 0.69 -9.46 -36.58
CA ARG B 24 -0.40 -8.85 -35.77
C ARG B 24 -1.59 -9.76 -35.67
N CYS B 25 -1.72 -10.66 -36.66
CA CYS B 25 -2.85 -11.62 -36.74
C CYS B 25 -2.68 -12.73 -35.73
N ASP B 26 -1.46 -12.79 -35.24
CA ASP B 26 -1.11 -13.68 -34.19
C ASP B 26 -1.72 -13.30 -32.86
N VAL B 27 -1.99 -12.04 -32.60
CA VAL B 27 -2.47 -11.67 -31.29
C VAL B 27 -3.80 -10.96 -31.28
N LEU B 28 -4.34 -10.76 -32.46
CA LEU B 28 -5.53 -10.00 -32.68
C LEU B 28 -6.39 -10.62 -33.72
N VAL B 29 -7.67 -10.64 -33.44
CA VAL B 29 -8.66 -10.96 -34.40
C VAL B 29 -9.68 -9.87 -34.54
N SER B 30 -10.16 -9.75 -35.74
CA SER B 30 -11.22 -8.85 -36.07
C SER B 30 -12.57 -9.40 -35.65
N ALA B 31 -13.54 -8.55 -35.54
CA ALA B 31 -14.88 -8.90 -35.16
C ALA B 31 -15.55 -9.66 -36.27
N ASP B 32 -15.18 -9.30 -37.46
CA ASP B 32 -15.60 -10.06 -38.62
C ASP B 32 -15.02 -11.51 -38.64
N TRP B 33 -13.73 -11.67 -38.39
CA TRP B 33 -13.20 -13.01 -38.21
C TRP B 33 -13.95 -13.74 -37.06
N ALA B 34 -14.18 -13.04 -35.96
CA ALA B 34 -14.75 -13.67 -34.78
C ALA B 34 -16.12 -14.23 -35.05
N GLU B 35 -16.99 -13.41 -35.66
CA GLU B 35 -18.35 -13.85 -35.94
C GLU B 35 -18.41 -15.06 -36.86
N SER B 36 -17.55 -15.12 -37.88
CA SER B 36 -17.48 -16.31 -38.75
C SER B 36 -16.96 -17.54 -37.98
N ASN B 37 -16.41 -17.32 -36.78
CA ASN B 37 -15.67 -18.40 -36.12
C ASN B 37 -16.14 -18.76 -34.71
N LEU B 38 -17.40 -18.44 -34.44
CA LEU B 38 -17.95 -18.61 -33.11
C LEU B 38 -18.03 -20.06 -32.74
N HIS B 39 -18.17 -20.89 -33.75
CA HIS B 39 -18.35 -22.31 -33.51
C HIS B 39 -17.29 -23.09 -34.32
N ALA B 40 -16.09 -22.53 -34.42
CA ALA B 40 -15.00 -23.17 -35.11
C ALA B 40 -14.21 -24.15 -34.19
N PRO B 41 -13.67 -25.23 -34.77
CA PRO B 41 -12.86 -26.21 -34.04
C PRO B 41 -11.74 -25.56 -33.22
N LYS B 42 -11.67 -25.90 -31.93
CA LYS B 42 -10.57 -25.50 -31.04
C LYS B 42 -10.45 -23.96 -30.87
N VAL B 43 -11.60 -23.29 -30.89
CA VAL B 43 -11.66 -21.87 -30.66
C VAL B 43 -12.71 -21.64 -29.60
N VAL B 44 -12.33 -20.90 -28.57
CA VAL B 44 -13.25 -20.65 -27.48
C VAL B 44 -13.20 -19.19 -27.13
N PHE B 45 -14.37 -18.61 -26.91
CA PHE B 45 -14.50 -17.19 -26.54
C PHE B 45 -14.68 -17.01 -25.05
N VAL B 46 -13.95 -16.04 -24.49
CA VAL B 46 -13.88 -15.82 -23.05
C VAL B 46 -14.08 -14.36 -22.75
N GLU B 47 -15.11 -14.05 -21.97
CA GLU B 47 -15.41 -12.65 -21.61
C GLU B 47 -14.74 -12.23 -20.33
N VAL B 48 -13.96 -11.15 -20.39
CA VAL B 48 -13.30 -10.59 -19.20
C VAL B 48 -13.47 -9.05 -19.15
N ASP B 49 -14.23 -8.61 -18.15
CA ASP B 49 -14.68 -7.21 -18.08
C ASP B 49 -14.55 -6.82 -16.61
N GLU B 50 -14.09 -5.60 -16.34
CA GLU B 50 -14.14 -5.11 -14.95
C GLU B 50 -15.54 -5.37 -14.36
N ASP B 51 -16.59 -5.11 -15.14
CA ASP B 51 -17.97 -5.46 -14.72
C ASP B 51 -18.29 -6.94 -14.94
N THR B 52 -18.10 -7.76 -13.91
CA THR B 52 -18.25 -9.21 -14.01
C THR B 52 -19.70 -9.64 -14.22
N SER B 53 -20.63 -8.70 -14.17
CA SER B 53 -22.06 -9.00 -14.38
C SER B 53 -22.57 -8.67 -15.79
N ALA B 54 -21.77 -8.02 -16.62
CA ALA B 54 -22.20 -7.73 -18.02
C ALA B 54 -22.49 -8.99 -18.83
N TYR B 55 -21.70 -10.04 -18.58
CA TYR B 55 -21.84 -11.33 -19.25
C TYR B 55 -23.18 -12.00 -18.96
N ASP B 56 -23.64 -11.89 -17.72
CA ASP B 56 -24.93 -12.44 -17.31
C ASP B 56 -26.07 -11.85 -18.16
N ARG B 57 -26.09 -10.52 -18.34
CA ARG B 57 -27.12 -9.88 -19.21
C ARG B 57 -27.04 -10.38 -20.66
N ASP B 58 -25.84 -10.29 -21.28
CA ASP B 58 -25.62 -10.92 -22.58
C ASP B 58 -24.12 -11.04 -22.92
N HIS B 59 -23.80 -11.74 -24.00
CA HIS B 59 -22.41 -12.08 -24.32
C HIS B 59 -22.36 -12.64 -25.71
N ILE B 60 -21.13 -12.84 -26.21
CA ILE B 60 -20.98 -13.41 -27.52
C ILE B 60 -21.42 -14.86 -27.41
N ALA B 61 -22.16 -15.33 -28.41
CA ALA B 61 -22.73 -16.67 -28.37
C ALA B 61 -21.66 -17.75 -28.14
N GLY B 62 -21.85 -18.54 -27.07
CA GLY B 62 -20.99 -19.69 -26.75
C GLY B 62 -19.80 -19.34 -25.88
N ALA B 63 -19.65 -18.05 -25.62
CA ALA B 63 -18.59 -17.55 -24.77
C ALA B 63 -18.82 -17.90 -23.33
N ILE B 64 -17.73 -18.11 -22.62
CA ILE B 64 -17.75 -18.34 -21.19
C ILE B 64 -17.16 -17.08 -20.55
N LYS B 65 -17.06 -17.11 -19.23
CA LYS B 65 -16.70 -15.96 -18.47
C LYS B 65 -15.55 -16.30 -17.53
N LEU B 66 -14.64 -15.33 -17.35
CA LEU B 66 -13.78 -15.32 -16.17
C LEU B 66 -14.04 -14.10 -15.31
N ASP B 67 -13.94 -14.28 -14.01
CA ASP B 67 -14.18 -13.22 -13.04
C ASP B 67 -12.83 -12.75 -12.48
N TRP B 68 -12.47 -11.48 -12.73
CA TRP B 68 -11.17 -10.95 -12.31
C TRP B 68 -11.04 -10.83 -10.80
N ARG B 69 -12.17 -10.68 -10.12
CA ARG B 69 -12.21 -10.61 -8.66
C ARG B 69 -12.14 -12.01 -8.03
N THR B 70 -13.02 -12.94 -8.41
CA THR B 70 -13.14 -14.24 -7.71
C THR B 70 -12.37 -15.43 -8.36
N ASP B 71 -12.16 -15.37 -9.68
CA ASP B 71 -11.39 -16.42 -10.37
C ASP B 71 -9.91 -16.14 -10.47
N LEU B 72 -9.52 -14.87 -10.65
CA LEU B 72 -8.11 -14.61 -10.98
C LEU B 72 -7.30 -14.01 -9.85
N GLN B 73 -7.93 -13.78 -8.70
CA GLN B 73 -7.18 -13.26 -7.54
C GLN B 73 -7.15 -14.32 -6.43
N ASP B 74 -6.03 -14.43 -5.71
CA ASP B 74 -6.02 -15.19 -4.46
C ASP B 74 -7.12 -14.61 -3.57
N PRO B 75 -7.93 -15.48 -2.93
CA PRO B 75 -9.00 -14.86 -2.14
C PRO B 75 -8.47 -14.13 -0.89
N VAL B 76 -7.25 -14.42 -0.45
CA VAL B 76 -6.74 -13.89 0.82
C VAL B 76 -5.58 -12.91 0.66
N LYS B 77 -4.48 -13.39 0.11
CA LYS B 77 -3.36 -12.54 -0.06
C LYS B 77 -3.48 -11.73 -1.34
N ARG B 78 -2.70 -10.66 -1.43
CA ARG B 78 -2.62 -9.90 -2.67
C ARG B 78 -1.71 -10.60 -3.70
N ASP B 79 -2.34 -11.44 -4.53
CA ASP B 79 -1.64 -12.14 -5.58
C ASP B 79 -2.62 -12.76 -6.55
N PHE B 80 -2.07 -13.21 -7.67
CA PHE B 80 -2.80 -13.93 -8.70
C PHE B 80 -2.82 -15.39 -8.24
N VAL B 81 -3.54 -16.24 -8.94
CA VAL B 81 -3.62 -17.63 -8.48
C VAL B 81 -2.37 -18.28 -9.03
N ASP B 82 -1.92 -19.35 -8.39
CA ASP B 82 -0.74 -20.06 -8.87
C ASP B 82 -1.12 -21.00 -10.04
N ALA B 83 -0.13 -21.74 -10.54
CA ALA B 83 -0.26 -22.58 -11.74
C ALA B 83 -1.32 -23.68 -11.63
N GLN B 84 -1.40 -24.29 -10.46
CA GLN B 84 -2.42 -25.31 -10.16
C GLN B 84 -3.80 -24.74 -10.04
N GLN B 85 -3.95 -23.59 -9.38
CA GLN B 85 -5.27 -22.97 -9.24
C GLN B 85 -5.75 -22.54 -10.62
N PHE B 86 -4.82 -22.02 -11.43
CA PHE B 86 -5.12 -21.62 -12.79
C PHE B 86 -5.49 -22.83 -13.65
N SER B 87 -4.75 -23.92 -13.50
CA SER B 87 -5.06 -25.19 -14.17
C SER B 87 -6.46 -25.74 -13.85
N LYS B 88 -6.79 -25.65 -12.57
CA LYS B 88 -8.09 -26.09 -12.07
C LYS B 88 -9.17 -25.16 -12.60
N LEU B 89 -8.92 -23.85 -12.57
CA LEU B 89 -9.88 -22.89 -13.11
C LEU B 89 -10.27 -23.20 -14.57
N LEU B 90 -9.25 -23.29 -15.45
CA LEU B 90 -9.49 -23.55 -16.87
C LEU B 90 -10.08 -24.94 -17.17
N SER B 91 -9.61 -25.97 -16.47
CA SER B 91 -10.20 -27.31 -16.52
C SER B 91 -11.68 -27.24 -16.24
N GLU B 92 -12.07 -26.58 -15.13
CA GLU B 92 -13.51 -26.39 -14.80
C GLU B 92 -14.28 -25.57 -15.84
N ARG B 93 -13.62 -24.59 -16.46
CA ARG B 93 -14.32 -23.77 -17.44
C ARG B 93 -14.41 -24.45 -18.79
N GLY B 94 -13.71 -25.58 -18.92
CA GLY B 94 -13.67 -26.31 -20.18
C GLY B 94 -12.77 -25.73 -21.24
N ILE B 95 -11.63 -25.13 -20.83
CA ILE B 95 -10.60 -24.65 -21.77
C ILE B 95 -9.43 -25.66 -21.79
N ALA B 96 -8.88 -25.91 -22.97
CA ALA B 96 -7.78 -26.87 -23.09
C ALA B 96 -6.50 -26.19 -23.56
N ASN B 97 -5.37 -26.82 -23.35
CA ASN B 97 -4.08 -26.22 -23.72
C ASN B 97 -3.98 -25.91 -25.19
N GLU B 98 -4.60 -26.75 -26.03
CA GLU B 98 -4.53 -26.60 -27.49
C GLU B 98 -5.63 -25.71 -28.09
N ASP B 99 -6.61 -25.26 -27.29
CA ASP B 99 -7.56 -24.26 -27.80
C ASP B 99 -6.90 -22.95 -28.16
N THR B 100 -7.46 -22.27 -29.15
CA THR B 100 -7.24 -20.85 -29.35
C THR B 100 -8.28 -20.14 -28.50
N VAL B 101 -7.81 -19.33 -27.55
CA VAL B 101 -8.66 -18.54 -26.68
C VAL B 101 -8.82 -17.14 -27.27
N ILE B 102 -10.07 -16.69 -27.42
CA ILE B 102 -10.34 -15.33 -27.91
C ILE B 102 -10.95 -14.51 -26.78
N LEU B 103 -10.24 -13.49 -26.35
CA LEU B 103 -10.61 -12.69 -25.22
C LEU B 103 -11.25 -11.39 -25.66
N TYR B 104 -12.27 -10.97 -24.94
CA TYR B 104 -12.99 -9.75 -25.26
C TYR B 104 -13.64 -9.18 -24.01
N GLY B 105 -13.90 -7.87 -24.01
CA GLY B 105 -14.65 -7.20 -22.93
C GLY B 105 -14.96 -5.77 -23.30
N GLY B 106 -15.57 -5.03 -22.36
CA GLY B 106 -15.88 -3.61 -22.59
C GLY B 106 -14.64 -2.74 -22.49
N ASN B 107 -14.84 -1.42 -22.66
CA ASN B 107 -13.81 -0.43 -22.31
C ASN B 107 -12.50 -0.70 -23.02
N ASN B 108 -12.60 -0.94 -24.31
CA ASN B 108 -11.44 -1.15 -25.18
C ASN B 108 -10.60 -2.34 -24.74
N ASN B 109 -11.26 -3.38 -24.23
CA ASN B 109 -10.57 -4.60 -23.76
C ASN B 109 -9.61 -4.36 -22.60
N TRP B 110 -9.92 -3.35 -21.81
CA TRP B 110 -9.05 -2.94 -20.72
C TRP B 110 -8.66 -4.16 -19.92
N PHE B 111 -9.66 -4.79 -19.32
CA PHE B 111 -9.44 -5.98 -18.49
C PHE B 111 -9.22 -7.25 -19.25
N ALA B 112 -9.70 -7.30 -20.50
CA ALA B 112 -9.48 -8.48 -21.31
C ALA B 112 -7.98 -8.61 -21.65
N ALA B 113 -7.27 -7.50 -21.73
CA ALA B 113 -5.83 -7.47 -21.95
C ALA B 113 -5.15 -8.01 -20.72
N TYR B 114 -5.79 -7.81 -19.56
CA TYR B 114 -5.23 -8.37 -18.31
C TYR B 114 -5.33 -9.90 -18.28
N ALA B 115 -6.50 -10.43 -18.66
CA ALA B 115 -6.64 -11.88 -18.82
C ALA B 115 -5.64 -12.41 -19.88
N TYR B 116 -5.42 -11.63 -20.94
CA TYR B 116 -4.46 -12.05 -21.96
C TYR B 116 -3.04 -12.21 -21.35
N TRP B 117 -2.62 -11.21 -20.58
CA TRP B 117 -1.30 -11.19 -19.95
C TRP B 117 -1.20 -12.40 -19.03
N TYR B 118 -2.30 -12.64 -18.34
CA TYR B 118 -2.47 -13.80 -17.49
C TYR B 118 -2.30 -15.12 -18.21
N PHE B 119 -3.03 -15.33 -19.30
CA PHE B 119 -2.79 -16.51 -20.13
C PHE B 119 -1.30 -16.67 -20.52
N LYS B 120 -0.63 -15.57 -20.89
CA LYS B 120 0.78 -15.63 -21.31
C LYS B 120 1.72 -15.96 -20.14
N LEU B 121 1.43 -15.36 -18.98
CA LEU B 121 2.09 -15.70 -17.71
C LEU B 121 2.12 -17.21 -17.45
N TYR B 122 1.00 -17.88 -17.75
CA TYR B 122 0.91 -19.29 -17.52
C TYR B 122 1.13 -20.12 -18.80
N GLY B 123 1.67 -19.46 -19.83
CA GLY B 123 2.28 -20.17 -20.94
C GLY B 123 1.39 -20.62 -22.08
N HIS B 124 0.16 -20.11 -22.13
CA HIS B 124 -0.76 -20.46 -23.19
C HIS B 124 -0.29 -19.86 -24.50
N GLU B 125 -0.16 -20.69 -25.51
CA GLU B 125 0.40 -20.28 -26.79
C GLU B 125 -0.60 -19.51 -27.66
N LYS B 126 -1.75 -20.14 -27.92
CA LYS B 126 -2.73 -19.53 -28.84
C LYS B 126 -3.83 -18.76 -28.14
N VAL B 127 -3.64 -17.45 -28.08
CA VAL B 127 -4.61 -16.59 -27.44
C VAL B 127 -4.57 -15.24 -28.11
N LYS B 128 -5.74 -14.64 -28.26
CA LYS B 128 -5.83 -13.36 -28.94
C LYS B 128 -6.92 -12.49 -28.36
N LEU B 129 -6.76 -11.17 -28.52
CA LEU B 129 -7.81 -10.21 -28.23
C LEU B 129 -8.69 -10.03 -29.45
N LEU B 130 -9.99 -9.89 -29.21
CA LEU B 130 -10.90 -9.54 -30.26
C LEU B 130 -10.81 -8.00 -30.33
N ASP B 131 -10.12 -7.50 -31.34
CA ASP B 131 -9.91 -6.06 -31.49
C ASP B 131 -11.23 -5.28 -31.38
N GLY B 132 -11.30 -4.35 -30.42
CA GLY B 132 -12.50 -3.56 -30.19
C GLY B 132 -13.33 -4.12 -29.06
N GLY B 133 -13.22 -5.45 -28.86
CA GLY B 133 -13.92 -6.17 -27.81
C GLY B 133 -15.42 -5.97 -27.91
N ARG B 134 -16.07 -5.82 -26.75
CA ARG B 134 -17.52 -5.71 -26.71
C ARG B 134 -18.01 -4.45 -27.46
N LYS B 135 -17.31 -3.35 -27.23
CA LYS B 135 -17.69 -2.04 -27.72
C LYS B 135 -17.77 -2.00 -29.25
N LYS B 136 -16.78 -2.58 -29.90
CA LYS B 136 -16.76 -2.66 -31.34
C LYS B 136 -17.86 -3.61 -31.82
N TRP B 137 -18.02 -4.73 -31.11
CA TRP B 137 -19.02 -5.74 -31.47
C TRP B 137 -20.45 -5.12 -31.48
N GLU B 138 -20.78 -4.38 -30.42
CA GLU B 138 -22.08 -3.73 -30.31
C GLU B 138 -22.23 -2.60 -31.30
N LEU B 139 -21.15 -1.87 -31.52
CA LEU B 139 -21.17 -0.77 -32.49
C LEU B 139 -21.51 -1.28 -33.88
N ASP B 140 -20.92 -2.42 -34.22
CA ASP B 140 -21.21 -3.13 -35.46
C ASP B 140 -22.64 -3.68 -35.53
N GLY B 141 -23.33 -3.78 -34.39
CA GLY B 141 -24.69 -4.33 -34.36
C GLY B 141 -24.74 -5.84 -34.35
N ARG B 142 -23.58 -6.45 -34.12
CA ARG B 142 -23.43 -7.90 -34.08
C ARG B 142 -24.25 -8.51 -32.92
N PRO B 143 -24.88 -9.66 -33.15
CA PRO B 143 -25.81 -10.18 -32.11
C PRO B 143 -25.13 -10.73 -30.86
N LEU B 144 -25.86 -10.62 -29.74
CA LEU B 144 -25.40 -11.16 -28.49
C LEU B 144 -26.41 -12.16 -27.99
N SER B 145 -26.05 -12.88 -26.94
CA SER B 145 -26.86 -13.97 -26.42
C SER B 145 -26.94 -13.92 -24.91
N SER B 146 -28.13 -14.22 -24.39
CA SER B 146 -28.34 -14.33 -22.95
C SER B 146 -28.54 -15.79 -22.52
N ASP B 147 -28.25 -16.73 -23.42
CA ASP B 147 -28.34 -18.17 -23.10
C ASP B 147 -27.17 -18.65 -22.28
N PRO B 148 -27.43 -19.57 -21.32
CA PRO B 148 -26.29 -19.99 -20.51
C PRO B 148 -25.36 -20.91 -21.31
N VAL B 149 -24.11 -20.94 -20.92
CA VAL B 149 -23.09 -21.71 -21.64
C VAL B 149 -22.45 -22.61 -20.62
N SER B 150 -22.29 -23.89 -20.95
CA SER B 150 -21.53 -24.77 -20.08
C SER B 150 -20.75 -25.73 -20.94
N ARG B 151 -19.42 -25.62 -20.93
CA ARG B 151 -18.54 -26.49 -21.70
C ARG B 151 -18.23 -27.67 -20.81
N PRO B 152 -18.08 -28.86 -21.40
CA PRO B 152 -17.61 -30.02 -20.66
C PRO B 152 -16.23 -29.73 -20.06
N VAL B 153 -16.01 -30.16 -18.83
CA VAL B 153 -14.74 -29.88 -18.16
C VAL B 153 -13.59 -30.59 -18.89
N THR B 154 -12.41 -29.95 -18.86
CA THR B 154 -11.18 -30.42 -19.53
C THR B 154 -10.09 -30.71 -18.52
N SER B 155 -8.90 -31.08 -18.98
CA SER B 155 -7.76 -31.13 -18.09
C SER B 155 -6.70 -30.18 -18.60
N TYR B 156 -6.67 -28.99 -18.01
CA TYR B 156 -5.69 -27.99 -18.39
C TYR B 156 -4.44 -28.08 -17.51
N THR B 157 -3.27 -27.93 -18.11
CA THR B 157 -2.01 -27.96 -17.37
C THR B 157 -1.19 -26.69 -17.63
N ALA B 158 -1.17 -25.79 -16.65
CA ALA B 158 -0.44 -24.52 -16.81
C ALA B 158 1.05 -24.76 -16.69
N SER B 159 1.85 -23.91 -17.34
CA SER B 159 3.28 -23.89 -17.13
C SER B 159 3.59 -23.01 -15.89
N PRO B 160 4.81 -23.16 -15.30
CA PRO B 160 5.21 -22.25 -14.22
C PRO B 160 5.21 -20.79 -14.70
N PRO B 161 4.95 -19.83 -13.81
CA PRO B 161 4.80 -18.47 -14.35
C PRO B 161 6.04 -17.96 -15.09
N ASP B 162 5.80 -17.26 -16.21
CA ASP B 162 6.89 -16.62 -16.92
C ASP B 162 7.08 -15.19 -16.40
N ASN B 163 7.99 -15.08 -15.46
CA ASN B 163 8.30 -13.83 -14.80
C ASN B 163 9.10 -12.83 -15.61
N THR B 164 9.48 -13.20 -16.83
CA THR B 164 10.05 -12.21 -17.75
C THR B 164 8.98 -11.16 -18.14
N ILE B 165 7.70 -11.45 -17.88
CA ILE B 165 6.64 -10.47 -18.21
C ILE B 165 5.97 -9.84 -16.98
N ARG B 166 6.57 -10.09 -15.82
CA ARG B 166 6.05 -9.58 -14.57
C ARG B 166 7.17 -8.88 -13.77
N ALA B 167 6.86 -7.73 -13.19
CA ALA B 167 7.81 -7.12 -12.30
C ALA B 167 7.27 -7.01 -10.87
N PHE B 168 8.18 -7.20 -9.92
CA PHE B 168 7.91 -7.08 -8.48
C PHE B 168 8.61 -5.83 -7.89
N ARG B 169 8.11 -5.37 -6.75
CA ARG B 169 8.63 -4.14 -6.12
C ARG B 169 10.17 -3.97 -6.08
N ASP B 170 10.94 -4.99 -5.74
CA ASP B 170 12.39 -4.79 -5.59
C ASP B 170 13.05 -4.41 -6.93
N GLU B 171 12.69 -5.13 -7.99
CA GLU B 171 13.26 -4.84 -9.31
C GLU B 171 12.75 -3.52 -9.91
N VAL B 172 11.56 -3.07 -9.49
CA VAL B 172 11.04 -1.78 -9.91
C VAL B 172 11.87 -0.64 -9.31
N LEU B 173 12.17 -0.73 -8.01
CA LEU B 173 13.06 0.22 -7.34
C LEU B 173 14.45 0.21 -7.98
N ALA B 174 15.00 -0.99 -8.26
CA ALA B 174 16.30 -1.06 -8.96
C ALA B 174 16.23 -0.60 -10.44
N ALA B 175 15.03 -0.44 -10.98
CA ALA B 175 14.86 -0.03 -12.40
C ALA B 175 14.78 1.51 -12.67
N ILE B 176 14.77 2.31 -11.61
CA ILE B 176 14.75 3.77 -11.69
C ILE B 176 16.04 4.23 -12.39
N ASN B 177 15.88 4.99 -13.48
CA ASN B 177 17.01 5.45 -14.34
C ASN B 177 17.72 4.36 -15.11
N VAL B 178 17.15 3.16 -15.10
CA VAL B 178 17.70 2.05 -15.83
C VAL B 178 16.71 1.66 -16.93
N LYS B 179 15.44 1.43 -16.55
CA LYS B 179 14.41 1.02 -17.51
C LYS B 179 13.38 2.11 -17.80
N ASN B 180 12.75 2.05 -18.97
CA ASN B 180 11.52 2.82 -19.23
C ASN B 180 10.48 2.42 -18.18
N LEU B 181 9.88 3.40 -17.50
CA LEU B 181 8.74 3.16 -16.61
C LEU B 181 7.55 3.93 -17.16
N ILE B 182 6.52 3.21 -17.63
CA ILE B 182 5.37 3.82 -18.28
C ILE B 182 4.24 3.83 -17.28
N ASP B 183 3.88 5.02 -16.85
CA ASP B 183 2.80 5.27 -15.90
C ASP B 183 1.57 5.54 -16.75
N VAL B 184 0.59 4.65 -16.69
CA VAL B 184 -0.56 4.75 -17.57
C VAL B 184 -1.77 5.38 -16.88
N ARG B 185 -1.55 6.04 -15.74
CA ARG B 185 -2.63 6.71 -15.03
C ARG B 185 -2.94 8.08 -15.70
N SER B 186 -4.07 8.69 -15.35
CA SER B 186 -4.43 10.03 -15.78
C SER B 186 -3.33 11.05 -15.44
N PRO B 187 -3.28 12.16 -16.21
CA PRO B 187 -2.21 13.16 -15.98
C PRO B 187 -2.23 13.78 -14.58
N ASP B 188 -3.42 13.95 -13.97
CA ASP B 188 -3.51 14.52 -12.62
C ASP B 188 -3.01 13.57 -11.54
N GLU B 189 -3.13 12.27 -11.78
CA GLU B 189 -2.60 11.27 -10.85
C GLU B 189 -1.08 11.21 -11.01
N PHE B 190 -0.59 11.20 -12.25
CA PHE B 190 0.85 11.15 -12.53
C PHE B 190 1.57 12.31 -11.87
N SER B 191 1.02 13.52 -12.02
CA SER B 191 1.65 14.69 -11.43
C SER B 191 1.56 14.78 -9.89
N GLY B 192 0.56 14.12 -9.31
CA GLY B 192 0.39 14.14 -7.85
C GLY B 192 -0.69 15.11 -7.39
N LYS B 193 -1.30 15.83 -8.34
CA LYS B 193 -2.40 16.74 -8.02
C LYS B 193 -3.59 16.02 -7.34
N ILE B 194 -3.87 14.79 -7.76
CA ILE B 194 -4.93 13.97 -7.16
C ILE B 194 -4.41 12.57 -6.79
N LEU B 195 -4.82 12.07 -5.62
CA LEU B 195 -4.34 10.76 -5.11
C LEU B 195 -4.81 9.54 -5.95
N ALA B 196 -6.13 9.44 -6.16
CA ALA B 196 -6.76 8.40 -7.00
C ALA B 196 -8.11 8.90 -7.58
N PRO B 197 -8.69 8.19 -8.60
CA PRO B 197 -9.98 8.66 -9.15
C PRO B 197 -11.13 8.61 -8.12
N ALA B 198 -12.16 9.43 -8.34
CA ALA B 198 -13.28 9.52 -7.39
C ALA B 198 -13.98 8.18 -7.14
N HIS B 199 -14.29 7.46 -8.21
CA HIS B 199 -15.03 6.18 -8.13
C HIS B 199 -14.24 4.94 -7.62
N LEU B 200 -13.29 5.13 -6.71
CA LEU B 200 -12.39 4.07 -6.24
C LEU B 200 -12.15 4.07 -4.70
N PRO B 201 -11.67 2.93 -4.13
CA PRO B 201 -11.20 2.80 -2.73
C PRO B 201 -10.41 4.00 -2.19
N GLN B 206 -1.26 5.88 -0.04
CA GLN B 206 -0.55 6.60 1.05
C GLN B 206 0.37 7.79 0.63
N ARG B 207 0.72 7.90 -0.66
CA ARG B 207 1.37 9.11 -1.20
C ARG B 207 0.96 9.31 -2.67
N PRO B 208 0.78 10.57 -3.10
CA PRO B 208 0.60 10.82 -4.52
C PRO B 208 1.95 10.99 -5.21
N GLY B 209 1.95 11.09 -6.53
CA GLY B 209 3.19 11.24 -7.30
C GLY B 209 3.39 10.06 -8.25
N HIS B 210 4.61 9.88 -8.74
CA HIS B 210 4.87 8.81 -9.68
C HIS B 210 6.31 8.28 -9.46
N ILE B 211 6.67 7.17 -10.05
CA ILE B 211 8.03 6.66 -9.82
C ILE B 211 8.97 7.59 -10.58
N PRO B 212 10.09 7.98 -9.95
CA PRO B 212 10.97 8.97 -10.60
C PRO B 212 11.43 8.49 -11.97
N GLY B 213 11.41 9.41 -12.95
CA GLY B 213 11.86 9.13 -14.33
C GLY B 213 10.77 8.54 -15.21
N ALA B 214 9.66 8.14 -14.59
CA ALA B 214 8.55 7.56 -15.32
C ALA B 214 8.03 8.57 -16.32
N ILE B 215 7.51 8.05 -17.43
CA ILE B 215 6.80 8.85 -18.41
C ILE B 215 5.35 8.41 -18.38
N ASN B 216 4.48 9.37 -18.67
CA ASN B 216 3.06 9.17 -18.46
C ASN B 216 2.41 9.01 -19.82
N VAL B 217 1.73 7.90 -20.06
CA VAL B 217 0.91 7.73 -21.27
C VAL B 217 -0.41 7.11 -20.82
N PRO B 218 -1.44 7.93 -20.50
CA PRO B 218 -2.77 7.38 -20.08
C PRO B 218 -3.19 6.23 -21.01
N TRP B 219 -3.59 5.09 -20.46
CA TRP B 219 -3.69 3.84 -21.25
C TRP B 219 -4.58 3.96 -22.49
N SER B 220 -5.71 4.67 -22.33
CA SER B 220 -6.73 4.77 -23.38
C SER B 220 -6.25 5.53 -24.63
N ARG B 221 -5.09 6.19 -24.56
CA ARG B 221 -4.52 6.87 -25.76
C ARG B 221 -4.08 5.90 -26.83
N ALA B 222 -3.92 4.63 -26.48
CA ALA B 222 -3.57 3.56 -27.42
C ALA B 222 -4.80 2.94 -28.11
N ALA B 223 -5.98 3.42 -27.74
CA ALA B 223 -7.26 2.88 -28.21
C ALA B 223 -8.08 3.90 -29.04
N ASN B 224 -8.71 3.43 -30.10
CA ASN B 224 -9.65 4.23 -30.90
C ASN B 224 -10.96 4.42 -30.13
N GLU B 225 -11.78 5.38 -30.56
CA GLU B 225 -13.12 5.58 -29.99
C GLU B 225 -14.05 4.36 -30.14
N ASP B 226 -13.91 3.60 -31.23
CA ASP B 226 -14.65 2.34 -31.41
C ASP B 226 -14.08 1.14 -30.58
N GLY B 227 -13.00 1.40 -29.82
CA GLY B 227 -12.41 0.40 -28.94
C GLY B 227 -11.18 -0.31 -29.51
N THR B 228 -11.03 -0.29 -30.83
CA THR B 228 -9.96 -1.01 -31.48
C THR B 228 -8.60 -0.40 -31.11
N PHE B 229 -7.54 -1.18 -31.25
CA PHE B 229 -6.20 -0.68 -31.04
C PHE B 229 -5.85 0.28 -32.15
N LYS B 230 -5.02 1.27 -31.82
CA LYS B 230 -4.54 2.19 -32.83
C LYS B 230 -3.49 1.48 -33.68
N SER B 231 -3.14 2.07 -34.83
CA SER B 231 -2.17 1.42 -35.73
C SER B 231 -0.78 1.41 -35.11
N ASP B 232 0.08 0.51 -35.60
CA ASP B 232 1.47 0.47 -35.16
C ASP B 232 2.18 1.82 -35.33
N GLU B 233 1.86 2.52 -36.43
CA GLU B 233 2.41 3.83 -36.67
C GLU B 233 1.92 4.79 -35.57
N GLU B 234 0.60 4.85 -35.37
CA GLU B 234 0.06 5.69 -34.30
C GLU B 234 0.69 5.32 -32.94
N LEU B 235 0.71 4.03 -32.61
CA LEU B 235 1.32 3.56 -31.35
C LEU B 235 2.79 3.93 -31.16
N ALA B 236 3.60 3.77 -32.21
CA ALA B 236 5.04 3.96 -32.04
C ALA B 236 5.33 5.43 -31.82
N LYS B 237 4.58 6.30 -32.49
CA LYS B 237 4.75 7.74 -32.37
C LYS B 237 4.36 8.18 -30.96
N LEU B 238 3.19 7.72 -30.49
CA LEU B 238 2.72 8.00 -29.11
C LEU B 238 3.82 7.77 -28.05
N TYR B 239 4.43 6.59 -28.09
CA TYR B 239 5.46 6.23 -27.11
C TYR B 239 6.80 6.94 -27.35
N ALA B 240 7.16 7.11 -28.63
CA ALA B 240 8.32 7.88 -29.05
C ALA B 240 8.22 9.31 -28.58
N ASP B 241 7.08 9.96 -28.84
CA ASP B 241 6.90 11.37 -28.43
C ASP B 241 6.99 11.57 -26.94
N ALA B 242 6.52 10.58 -26.18
CA ALA B 242 6.48 10.62 -24.72
C ALA B 242 7.83 10.33 -24.06
N GLY B 243 8.80 9.81 -24.82
CA GLY B 243 10.16 9.61 -24.26
C GLY B 243 10.55 8.16 -24.05
N LEU B 244 9.79 7.22 -24.61
CA LEU B 244 10.18 5.82 -24.49
C LEU B 244 11.52 5.64 -25.22
N ASP B 245 12.52 5.16 -24.50
CA ASP B 245 13.89 5.09 -25.03
C ASP B 245 14.14 3.66 -25.51
N ASN B 246 14.33 3.49 -26.81
CA ASN B 246 14.48 2.17 -27.40
C ASN B 246 15.79 1.48 -27.08
N SER B 247 16.71 2.20 -26.42
CA SER B 247 17.90 1.54 -25.89
C SER B 247 17.65 0.79 -24.55
N LYS B 248 16.46 0.97 -23.96
CA LYS B 248 16.17 0.43 -22.62
C LYS B 248 15.00 -0.55 -22.59
N GLU B 249 15.02 -1.45 -21.63
CA GLU B 249 13.88 -2.36 -21.37
C GLU B 249 12.78 -1.59 -20.71
N THR B 250 11.61 -2.21 -20.50
CA THR B 250 10.39 -1.46 -20.11
C THR B 250 9.53 -2.13 -19.04
N ILE B 251 8.94 -1.30 -18.16
CA ILE B 251 7.95 -1.71 -17.16
C ILE B 251 6.75 -0.76 -17.25
N ALA B 252 5.54 -1.33 -17.38
CA ALA B 252 4.31 -0.57 -17.35
C ALA B 252 3.63 -0.68 -15.99
N TYR B 253 2.99 0.40 -15.55
CA TYR B 253 2.26 0.32 -14.27
C TYR B 253 1.09 1.29 -14.25
N CYS B 254 0.13 0.97 -13.38
CA CYS B 254 -1.11 1.76 -13.22
C CYS B 254 -1.34 1.89 -11.72
N ARG B 255 -2.57 1.76 -11.26
CA ARG B 255 -2.84 1.65 -9.77
C ARG B 255 -2.81 0.20 -9.34
N ILE B 256 -3.37 -0.66 -10.18
CA ILE B 256 -3.32 -2.12 -9.98
C ILE B 256 -2.94 -2.74 -11.33
N GLY B 257 -2.16 -3.83 -11.32
CA GLY B 257 -1.71 -4.49 -12.56
C GLY B 257 -2.79 -4.88 -13.55
N GLU B 258 -4.04 -5.02 -13.08
CA GLU B 258 -5.18 -5.30 -13.94
C GLU B 258 -5.35 -4.17 -14.98
N ARG B 259 -4.90 -2.98 -14.62
CA ARG B 259 -5.18 -1.82 -15.44
C ARG B 259 -3.99 -1.40 -16.27
N SER B 260 -2.82 -2.01 -16.02
CA SER B 260 -1.63 -1.74 -16.79
C SER B 260 -1.37 -2.83 -17.83
N SER B 261 -2.23 -3.84 -17.88
CA SER B 261 -2.02 -4.94 -18.81
C SER B 261 -2.16 -4.56 -20.25
N HIS B 262 -3.14 -3.69 -20.50
CA HIS B 262 -3.48 -3.21 -21.83
C HIS B 262 -2.25 -2.59 -22.53
N THR B 263 -1.54 -1.73 -21.79
CA THR B 263 -0.35 -1.06 -22.27
C THR B 263 0.78 -2.08 -22.41
N TRP B 264 0.88 -2.99 -21.47
CA TRP B 264 1.84 -4.05 -21.65
C TRP B 264 1.62 -4.75 -23.00
N PHE B 265 0.36 -5.07 -23.34
CA PHE B 265 0.02 -5.75 -24.59
C PHE B 265 0.43 -4.92 -25.84
N VAL B 266 0.19 -3.61 -25.76
CA VAL B 266 0.51 -2.68 -26.83
C VAL B 266 2.01 -2.67 -27.11
N LEU B 267 2.79 -2.65 -26.04
CA LEU B 267 4.22 -2.49 -26.13
C LEU B 267 4.92 -3.80 -26.51
N ARG B 268 4.57 -4.89 -25.86
CA ARG B 268 5.21 -6.17 -26.15
C ARG B 268 4.60 -6.90 -27.35
N GLU B 269 3.26 -6.96 -27.41
CA GLU B 269 2.62 -7.82 -28.42
C GLU B 269 2.37 -7.10 -29.75
N LEU B 270 2.08 -5.82 -29.70
CA LEU B 270 1.78 -5.10 -30.93
C LEU B 270 3.04 -4.45 -31.46
N LEU B 271 3.69 -3.64 -30.63
CA LEU B 271 4.89 -2.94 -31.05
C LEU B 271 6.13 -3.84 -31.06
N GLY B 272 6.07 -5.01 -30.43
CA GLY B 272 7.18 -5.97 -30.50
C GLY B 272 8.39 -5.72 -29.60
N HIS B 273 8.23 -4.93 -28.54
CA HIS B 273 9.35 -4.75 -27.64
C HIS B 273 9.52 -6.05 -26.85
N GLN B 274 10.73 -6.59 -26.87
CA GLN B 274 11.01 -7.94 -26.43
C GLN B 274 11.01 -8.06 -24.90
N ASN B 275 11.33 -6.95 -24.20
CA ASN B 275 11.45 -6.97 -22.73
C ASN B 275 10.48 -6.00 -22.05
N VAL B 276 9.24 -6.43 -21.92
CA VAL B 276 8.26 -5.59 -21.25
C VAL B 276 7.68 -6.38 -20.09
N LYS B 277 7.75 -5.80 -18.89
CA LYS B 277 7.12 -6.43 -17.71
C LYS B 277 5.93 -5.59 -17.27
N ASN B 278 4.96 -6.27 -16.66
CA ASN B 278 3.84 -5.61 -16.04
C ASN B 278 4.13 -5.60 -14.53
N TYR B 279 4.34 -4.40 -13.97
CA TYR B 279 4.42 -4.24 -12.52
C TYR B 279 3.00 -4.29 -11.93
N ASP B 280 2.50 -5.48 -11.57
CA ASP B 280 1.14 -5.60 -11.03
C ASP B 280 0.94 -4.84 -9.71
N GLY B 281 1.95 -4.85 -8.83
CA GLY B 281 1.87 -4.07 -7.57
C GLY B 281 1.39 -2.65 -7.81
N SER B 282 2.02 -2.01 -8.80
CA SER B 282 1.58 -0.71 -9.31
C SER B 282 1.58 0.35 -8.20
N TRP B 283 0.83 1.44 -8.41
CA TRP B 283 0.87 2.54 -7.45
C TRP B 283 0.27 2.19 -6.08
N THR B 284 -0.77 1.35 -6.05
CA THR B 284 -1.28 0.91 -4.75
C THR B 284 -0.19 0.27 -3.89
N GLU B 285 0.72 -0.49 -4.49
CA GLU B 285 1.85 -0.97 -3.71
C GLU B 285 2.93 0.11 -3.57
N TYR B 286 3.39 0.63 -4.71
CA TYR B 286 4.53 1.53 -4.72
C TYR B 286 4.31 2.74 -3.79
N GLY B 287 3.11 3.32 -3.85
CA GLY B 287 2.75 4.54 -3.13
C GLY B 287 2.52 4.33 -1.64
N SER B 288 2.75 3.10 -1.18
CA SER B 288 2.57 2.74 0.21
C SER B 288 3.82 2.16 0.80
N LEU B 289 4.81 1.89 -0.06
CA LEU B 289 6.10 1.45 0.39
C LEU B 289 6.79 2.54 1.22
N VAL B 290 7.28 2.16 2.39
CA VAL B 290 8.13 3.06 3.16
C VAL B 290 9.46 3.33 2.42
N GLY B 291 9.87 4.60 2.35
CA GLY B 291 11.19 4.97 1.83
C GLY B 291 11.43 4.92 0.32
N ALA B 292 10.41 4.62 -0.47
CA ALA B 292 10.53 4.56 -1.95
C ALA B 292 10.64 5.95 -2.55
N PRO B 293 11.52 6.13 -3.56
CA PRO B 293 11.59 7.47 -4.19
C PRO B 293 10.29 7.86 -4.94
N ILE B 294 9.90 9.12 -4.83
CA ILE B 294 8.69 9.60 -5.46
C ILE B 294 9.02 10.93 -6.08
N GLU B 295 8.38 11.21 -7.21
CA GLU B 295 8.60 12.45 -7.95
C GLU B 295 7.25 13.02 -8.35
N LEU B 296 7.12 14.34 -8.17
CA LEU B 296 5.89 15.07 -8.45
C LEU B 296 6.00 15.88 -9.73
N GLY B 297 4.87 16.46 -10.14
CA GLY B 297 4.81 17.28 -11.33
C GLY B 297 4.70 16.42 -12.58
N SER B 298 4.19 17.04 -13.66
CA SER B 298 4.17 16.44 -14.99
C SER B 298 5.59 16.24 -15.54
#